data_4RHD
#
_entry.id   4RHD
#
_cell.length_a   59.429
_cell.length_b   59.429
_cell.length_c   87.048
_cell.angle_alpha   90.00
_cell.angle_beta   90.00
_cell.angle_gamma   120.00
#
_symmetry.space_group_name_H-M   'P 3'
#
loop_
_entity.id
_entity.type
_entity.pdbx_description
1 polymer 'DNA 9mer novel Z nucleobase'
2 polymer 'DNA 9mer novel P nucleobase'
3 non-polymer 'MAGNESIUM ION'
4 water water
#
loop_
_entity_poly.entity_id
_entity_poly.type
_entity_poly.pdbx_seq_one_letter_code
_entity_poly.pdbx_strand_id
1 'polydeoxyribonucleotide' (DG)(T5S)(DG)(DT)(1W5)(DA)(DC)(DA)(DC) A,C,E,G
2 'polydeoxyribonucleotide' (DG)(T5S)(DG)(DT)(1WA)(DA)(DC)(DA)(DC) B,D,F,H
#